data_8YR6
#
_entry.id   8YR6
#
_cell.length_a   160.497
_cell.length_b   160.497
_cell.length_c   160.497
_cell.angle_alpha   90.00
_cell.angle_beta   90.00
_cell.angle_gamma   90.00
#
_symmetry.space_group_name_H-M   'I 2 3'
#
loop_
_entity.id
_entity.type
_entity.pdbx_description
1 polymer 'CDP-diacylglycerol--serine O-phosphatidyltransferase'
2 non-polymer Cdp-DG(16:0/16:0)
3 non-polymer 'SULFATE ION'
4 water water
#
_entity_poly.entity_id   1
_entity_poly.type   'polypeptide(L)'
_entity_poly.pdbx_seq_one_letter_code
;MGSHHHHHHGSLSKFKRNKHQQHLAQLPKISQSVDDVDFFYAPADFRETLLEKIASAKQRICIVALYLEQDDGGKGILNA
LYEAKRQRPELDVRVLVDWHRAQRGRIGAAASNTNADWYCRMAQENPGVDVPVYGVPINTREALGVLHFKGFIIDDSVLY
SGASLNDVYLHQHDKYRYDRYHLIRNRKMSDIMFEWVTQNIMNGRGVNRLDDVNRPKSPEIKNDIRLFRQELRDAAYHFQ
GDADNDQLSVTPLVGLGKSSLLNKTIFHLMPCAEQKLTICTPYFNLPAILVRNIIQLLREGKKVEIIVGDKTANDFYIPE
DEPFKIIGALPYLYEINLRRFLSRLQYYVNTDQLVVRLWKDDDNTYALKGMWVDDKWMLITGNNLNPRAWRLDLENAILI
HDPQLELAPQREKELELIREHTTIVKHYRDLQSIADYPVKVRKLIRRLRRIRIDRLISRIL
;
_entity_poly.pdbx_strand_id   A
#
# COMPACT_ATOMS: atom_id res chain seq x y z
N ASN A 18 -3.39 -19.70 -23.66
CA ASN A 18 -3.36 -18.31 -23.14
C ASN A 18 -2.15 -18.16 -22.22
N LYS A 19 -1.21 -17.28 -22.59
CA LYS A 19 0.06 -17.17 -21.88
C LYS A 19 -0.14 -16.53 -20.52
N HIS A 20 -1.12 -15.63 -20.40
CA HIS A 20 -1.37 -14.91 -19.16
C HIS A 20 -1.95 -15.86 -18.11
N GLN A 21 -2.93 -16.67 -18.52
CA GLN A 21 -3.56 -17.65 -17.64
C GLN A 21 -2.57 -18.71 -17.20
N GLN A 22 -1.62 -19.03 -18.09
CA GLN A 22 -0.59 -20.02 -17.81
C GLN A 22 0.29 -19.51 -16.68
N HIS A 23 0.72 -18.24 -16.76
CA HIS A 23 1.52 -17.63 -15.72
C HIS A 23 0.85 -17.83 -14.36
N LEU A 24 -0.45 -17.49 -14.28
CA LEU A 24 -1.20 -17.58 -13.04
C LEU A 24 -1.32 -19.04 -12.60
N ALA A 25 -1.57 -19.93 -13.55
CA ALA A 25 -1.74 -21.35 -13.25
C ALA A 25 -0.46 -21.93 -12.67
N GLN A 26 0.69 -21.39 -13.08
CA GLN A 26 1.99 -21.93 -12.74
C GLN A 26 2.61 -21.22 -11.54
N LEU A 27 2.03 -20.09 -11.12
CA LEU A 27 2.46 -19.44 -9.88
C LEU A 27 2.40 -20.47 -8.76
N PRO A 28 3.46 -20.60 -7.93
CA PRO A 28 3.38 -21.42 -6.72
C PRO A 28 2.29 -20.92 -5.79
N LYS A 29 1.54 -21.85 -5.18
CA LYS A 29 0.37 -21.52 -4.40
C LYS A 29 0.36 -22.29 -3.08
N ILE A 30 0.11 -21.56 -1.98
CA ILE A 30 0.06 -22.14 -0.65
C ILE A 30 -1.41 -22.35 -0.28
N SER A 31 -1.77 -23.58 0.11
CA SER A 31 -3.13 -23.90 0.46
C SER A 31 -3.56 -23.07 1.66
N GLN A 32 -4.83 -22.67 1.66
CA GLN A 32 -5.39 -21.76 2.64
C GLN A 32 -6.76 -22.28 3.03
N SER A 33 -7.01 -22.35 4.33
CA SER A 33 -8.33 -22.72 4.84
C SER A 33 -9.20 -21.47 4.93
N VAL A 34 -10.44 -21.59 4.47
CA VAL A 34 -11.38 -20.49 4.50
C VAL A 34 -11.55 -19.96 5.92
N ASP A 35 -11.44 -20.85 6.92
CA ASP A 35 -11.69 -20.48 8.32
C ASP A 35 -10.51 -19.71 8.90
N ASP A 36 -9.36 -19.73 8.22
CA ASP A 36 -8.17 -19.02 8.66
C ASP A 36 -8.00 -17.72 7.87
N VAL A 37 -9.08 -17.22 7.26
CA VAL A 37 -9.08 -15.93 6.59
C VAL A 37 -10.20 -15.07 7.18
N ASP A 38 -9.81 -13.90 7.71
CA ASP A 38 -10.78 -12.95 8.25
C ASP A 38 -10.64 -11.61 7.54
N PHE A 39 -11.77 -11.11 7.05
CA PHE A 39 -11.87 -9.74 6.56
C PHE A 39 -12.29 -8.82 7.69
N PHE A 40 -11.74 -7.60 7.71
CA PHE A 40 -12.29 -6.52 8.51
C PHE A 40 -12.59 -5.38 7.56
N TYR A 41 -13.57 -4.55 7.89
CA TYR A 41 -14.17 -3.66 6.92
C TYR A 41 -14.06 -2.20 7.35
N ALA A 42 -13.37 -1.91 8.46
CA ALA A 42 -13.28 -0.56 8.99
C ALA A 42 -11.96 -0.36 9.73
N PRO A 43 -11.36 0.86 9.67
CA PRO A 43 -10.10 1.14 10.34
C PRO A 43 -10.04 0.77 11.83
N ALA A 44 -11.12 1.05 12.56
CA ALA A 44 -11.15 0.83 13.99
C ALA A 44 -11.04 -0.67 14.29
N ASP A 45 -11.75 -1.49 13.50
CA ASP A 45 -11.73 -2.93 13.68
C ASP A 45 -10.32 -3.47 13.44
N PHE A 46 -9.63 -2.88 12.46
CA PHE A 46 -8.26 -3.22 12.14
C PHE A 46 -7.36 -2.91 13.35
N ARG A 47 -7.51 -1.70 13.89
CA ARG A 47 -6.78 -1.29 15.09
C ARG A 47 -6.99 -2.31 16.21
N GLU A 48 -8.26 -2.64 16.49
CA GLU A 48 -8.58 -3.49 17.62
C GLU A 48 -7.99 -4.88 17.38
N THR A 49 -8.16 -5.41 16.17
CA THR A 49 -7.58 -6.69 15.81
C THR A 49 -6.08 -6.68 16.06
N LEU A 50 -5.40 -5.60 15.67
CA LEU A 50 -3.95 -5.53 15.84
C LEU A 50 -3.62 -5.60 17.33
N LEU A 51 -4.34 -4.84 18.15
CA LEU A 51 -4.10 -4.82 19.58
C LEU A 51 -4.43 -6.20 20.17
N GLU A 52 -5.50 -6.84 19.69
CA GLU A 52 -5.87 -8.17 20.15
C GLU A 52 -4.70 -9.13 19.96
N LYS A 53 -4.06 -9.08 18.78
CA LYS A 53 -3.06 -10.05 18.38
C LYS A 53 -1.70 -9.77 19.04
N ILE A 54 -1.41 -8.49 19.32
CA ILE A 54 -0.18 -8.10 20.00
C ILE A 54 -0.17 -8.72 21.40
N ALA A 55 -1.30 -8.62 22.11
CA ALA A 55 -1.40 -9.13 23.47
C ALA A 55 -1.34 -10.66 23.49
N SER A 56 -1.81 -11.29 22.41
CA SER A 56 -1.99 -12.73 22.33
C SER A 56 -0.75 -13.43 21.79
N ALA A 57 0.19 -12.70 21.19
CA ALA A 57 1.31 -13.31 20.47
C ALA A 57 2.25 -14.02 21.45
N LYS A 58 2.72 -15.21 21.02
CA LYS A 58 3.51 -16.09 21.87
C LYS A 58 4.92 -16.34 21.30
N GLN A 59 5.17 -15.93 20.05
CA GLN A 59 6.43 -16.24 19.38
C GLN A 59 7.08 -14.98 18.81
N ARG A 60 6.35 -14.25 17.96
CA ARG A 60 6.93 -13.17 17.20
C ARG A 60 5.89 -12.12 16.81
N ILE A 61 6.37 -10.88 16.69
CA ILE A 61 5.61 -9.76 16.17
C ILE A 61 6.55 -8.97 15.27
N CYS A 62 6.29 -9.02 13.95
CA CYS A 62 7.04 -8.23 12.98
C CYS A 62 6.11 -7.20 12.35
N ILE A 63 6.31 -5.94 12.72
CA ILE A 63 5.56 -4.82 12.18
C ILE A 63 6.40 -4.11 11.13
N VAL A 64 6.01 -4.30 9.87
CA VAL A 64 6.56 -3.52 8.76
C VAL A 64 5.49 -2.52 8.33
N ALA A 65 5.87 -1.24 8.28
CA ALA A 65 4.97 -0.18 7.86
C ALA A 65 5.78 0.98 7.28
N LEU A 66 5.17 1.75 6.37
CA LEU A 66 5.80 2.95 5.84
C LEU A 66 6.23 3.85 7.01
N TYR A 67 5.32 4.06 7.97
CA TYR A 67 5.69 4.81 9.16
C TYR A 67 4.81 4.42 10.35
N LEU A 68 5.34 4.76 11.54
CA LEU A 68 4.65 4.61 12.81
C LEU A 68 4.73 5.95 13.51
N GLU A 69 3.61 6.67 13.49
CA GLU A 69 3.59 8.09 13.83
C GLU A 69 3.60 8.27 15.35
N GLN A 70 4.14 9.41 15.82
CA GLN A 70 4.07 9.74 17.24
C GLN A 70 2.77 10.50 17.51
N ASP A 71 1.64 9.82 17.29
CA ASP A 71 0.33 10.35 17.65
C ASP A 71 -0.34 9.32 18.56
N ASP A 72 -1.59 9.59 18.95
CA ASP A 72 -2.30 8.71 19.87
C ASP A 72 -2.39 7.31 19.26
N GLY A 73 -2.56 7.25 17.94
CA GLY A 73 -2.64 5.98 17.22
C GLY A 73 -1.34 5.20 17.35
N GLY A 74 -0.25 5.82 16.89
CA GLY A 74 1.07 5.19 16.92
C GLY A 74 1.46 4.76 18.33
N LYS A 75 1.21 5.65 19.30
CA LYS A 75 1.49 5.39 20.70
C LYS A 75 0.73 4.16 21.18
N GLY A 76 -0.55 4.09 20.80
CA GLY A 76 -1.39 2.95 21.17
C GLY A 76 -0.70 1.65 20.81
N ILE A 77 -0.21 1.57 19.57
CA ILE A 77 0.36 0.36 19.02
C ILE A 77 1.70 0.09 19.68
N LEU A 78 2.54 1.12 19.81
CA LEU A 78 3.89 0.95 20.34
C LEU A 78 3.83 0.57 21.82
N ASN A 79 3.00 1.27 22.61
CA ASN A 79 2.77 0.92 24.00
C ASN A 79 2.41 -0.56 24.14
N ALA A 80 1.53 -1.04 23.26
CA ALA A 80 1.05 -2.41 23.30
C ALA A 80 2.19 -3.38 22.99
N LEU A 81 3.09 -2.98 22.09
CA LEU A 81 4.25 -3.77 21.73
C LEU A 81 5.20 -3.88 22.92
N TYR A 82 5.52 -2.73 23.53
CA TYR A 82 6.34 -2.71 24.74
C TYR A 82 5.71 -3.59 25.82
N GLU A 83 4.37 -3.52 25.95
CA GLU A 83 3.68 -4.25 26.98
C GLU A 83 3.77 -5.75 26.71
N ALA A 84 3.65 -6.14 25.43
CA ALA A 84 3.72 -7.55 25.04
C ALA A 84 5.10 -8.13 25.39
N LYS A 85 6.15 -7.37 25.07
CA LYS A 85 7.52 -7.78 25.31
C LYS A 85 7.79 -7.86 26.82
N ARG A 86 7.18 -6.93 27.57
CA ARG A 86 7.33 -6.90 29.02
C ARG A 86 6.80 -8.19 29.64
N GLN A 87 5.67 -8.69 29.12
CA GLN A 87 4.99 -9.85 29.69
C GLN A 87 5.55 -11.16 29.10
N ARG A 88 6.27 -11.05 27.98
CA ARG A 88 6.93 -12.19 27.36
C ARG A 88 8.28 -11.74 26.81
N PRO A 89 9.32 -11.62 27.67
CA PRO A 89 10.65 -11.17 27.23
C PRO A 89 11.21 -11.96 26.05
N GLU A 90 10.90 -13.27 25.99
CA GLU A 90 11.45 -14.14 24.96
C GLU A 90 10.73 -13.92 23.62
N LEU A 91 9.72 -13.03 23.60
CA LEU A 91 9.00 -12.71 22.38
C LEU A 91 9.91 -11.91 21.44
N ASP A 92 9.94 -12.32 20.17
CA ASP A 92 10.74 -11.66 19.15
C ASP A 92 9.91 -10.53 18.51
N VAL A 93 10.20 -9.29 18.91
CA VAL A 93 9.42 -8.13 18.51
C VAL A 93 10.30 -7.18 17.70
N ARG A 94 9.86 -6.83 16.49
CA ARG A 94 10.60 -5.95 15.59
C ARG A 94 9.63 -4.97 14.95
N VAL A 95 10.05 -3.70 14.87
CA VAL A 95 9.37 -2.71 14.05
C VAL A 95 10.32 -2.28 12.93
N LEU A 96 9.81 -2.29 11.69
CA LEU A 96 10.56 -1.81 10.54
C LEU A 96 9.73 -0.78 9.81
N VAL A 97 10.26 0.46 9.73
CA VAL A 97 9.61 1.53 9.01
C VAL A 97 10.61 2.15 8.04
N ASP A 98 10.16 3.09 7.21
CA ASP A 98 11.03 3.76 6.26
C ASP A 98 12.03 4.63 7.01
N TRP A 99 13.30 4.47 6.65
CA TRP A 99 14.42 5.20 7.23
C TRP A 99 14.23 6.71 7.06
N HIS A 100 13.86 7.13 5.85
CA HIS A 100 13.78 8.54 5.51
C HIS A 100 12.52 9.18 6.10
N ARG A 101 11.38 8.48 6.00
CA ARG A 101 10.12 9.05 6.45
C ARG A 101 10.15 9.26 7.96
N ALA A 102 10.82 8.35 8.67
CA ALA A 102 10.85 8.37 10.13
C ALA A 102 11.63 9.58 10.65
N GLN A 103 12.48 10.19 9.80
CA GLN A 103 13.38 11.24 10.22
C GLN A 103 12.98 12.59 9.62
N ARG A 104 11.68 12.83 9.48
CA ARG A 104 11.19 14.12 9.03
C ARG A 104 9.70 14.24 9.38
N GLY A 105 9.21 15.49 9.42
CA GLY A 105 7.79 15.79 9.48
C GLY A 105 7.19 15.83 8.08
N ARG A 106 5.88 16.10 8.00
CA ARG A 106 5.18 16.14 6.73
C ARG A 106 5.75 17.26 5.86
N ILE A 107 5.64 17.07 4.53
CA ILE A 107 6.19 17.99 3.54
C ILE A 107 5.33 19.25 3.51
N GLY A 108 5.97 20.40 3.77
CA GLY A 108 5.27 21.68 3.80
C GLY A 108 4.56 21.91 5.14
N ALA A 109 4.98 21.17 6.17
CA ALA A 109 4.51 21.39 7.53
C ALA A 109 5.66 21.91 8.38
N ALA A 110 5.37 22.24 9.64
CA ALA A 110 6.35 22.85 10.54
C ALA A 110 7.34 21.79 11.03
N ALA A 111 8.61 21.91 10.60
CA ALA A 111 9.67 21.00 11.02
C ALA A 111 9.59 20.79 12.53
N SER A 112 9.55 19.51 12.95
CA SER A 112 9.16 19.17 14.31
C SER A 112 10.03 18.01 14.84
N ASN A 113 9.66 17.54 16.03
CA ASN A 113 10.20 16.29 16.59
C ASN A 113 9.81 15.13 15.67
N THR A 114 10.81 14.33 15.27
CA THR A 114 10.58 13.23 14.34
C THR A 114 10.12 11.99 15.10
N ASN A 115 9.65 11.00 14.34
CA ASN A 115 9.23 9.73 14.91
C ASN A 115 10.45 9.01 15.46
N ALA A 116 11.59 9.17 14.79
CA ALA A 116 12.84 8.54 15.21
C ALA A 116 13.26 9.06 16.59
N ASP A 117 13.15 10.38 16.80
CA ASP A 117 13.39 10.97 18.12
C ASP A 117 12.46 10.31 19.12
N TRP A 118 11.19 10.19 18.73
CA TRP A 118 10.16 9.60 19.57
C TRP A 118 10.53 8.17 19.95
N TYR A 119 10.92 7.37 18.95
CA TYR A 119 11.36 6.00 19.17
C TYR A 119 12.44 5.95 20.25
N CYS A 120 13.37 6.92 20.22
CA CYS A 120 14.44 7.02 21.19
C CYS A 120 13.89 7.31 22.60
N ARG A 121 12.98 8.28 22.71
CA ARG A 121 12.38 8.60 24.00
C ARG A 121 11.66 7.38 24.56
N MET A 122 10.97 6.63 23.68
CA MET A 122 10.18 5.48 24.09
C MET A 122 11.08 4.38 24.66
N ALA A 123 12.25 4.17 24.05
CA ALA A 123 13.22 3.22 24.57
C ALA A 123 13.68 3.65 25.96
N GLN A 124 14.05 4.94 26.10
CA GLN A 124 14.52 5.50 27.36
C GLN A 124 13.44 5.33 28.44
N GLU A 125 12.19 5.64 28.08
CA GLU A 125 11.06 5.63 29.01
C GLU A 125 10.67 4.20 29.41
N ASN A 126 11.13 3.19 28.65
CA ASN A 126 10.86 1.79 28.94
C ASN A 126 12.18 1.03 29.10
N PRO A 127 12.93 1.22 30.21
CA PRO A 127 14.34 0.79 30.27
C PRO A 127 14.58 -0.71 30.16
N GLY A 128 13.67 -1.53 30.70
CA GLY A 128 13.88 -2.97 30.79
C GLY A 128 13.56 -3.71 29.48
N VAL A 129 12.82 -3.06 28.57
CA VAL A 129 12.13 -3.76 27.49
C VAL A 129 12.69 -3.32 26.14
N ASP A 130 13.05 -4.30 25.30
CA ASP A 130 13.63 -4.06 23.99
C ASP A 130 12.60 -4.29 22.88
N VAL A 131 12.16 -3.19 22.25
CA VAL A 131 11.40 -3.22 21.01
C VAL A 131 12.23 -2.48 19.96
N PRO A 132 13.18 -3.18 19.29
CA PRO A 132 13.98 -2.58 18.23
C PRO A 132 13.12 -1.94 17.15
N VAL A 133 13.40 -0.67 16.84
CA VAL A 133 12.82 0.01 15.69
C VAL A 133 13.91 0.23 14.65
N TYR A 134 13.80 -0.47 13.52
CA TYR A 134 14.73 -0.37 12.42
C TYR A 134 14.19 0.63 11.39
N GLY A 135 15.11 1.31 10.69
CA GLY A 135 14.78 2.20 9.59
C GLY A 135 15.34 1.65 8.29
N VAL A 136 14.48 1.47 7.28
CA VAL A 136 14.83 0.77 6.06
C VAL A 136 14.86 1.76 4.89
N PRO A 137 16.05 2.10 4.35
CA PRO A 137 16.14 2.98 3.18
C PRO A 137 16.17 2.14 1.90
N ILE A 138 15.21 2.39 1.01
CA ILE A 138 15.11 1.68 -0.26
C ILE A 138 15.88 2.48 -1.31
N ASN A 139 16.17 3.75 -1.01
CA ASN A 139 17.04 4.56 -1.84
C ASN A 139 17.62 5.69 -0.99
N THR A 140 18.63 6.38 -1.53
CA THR A 140 19.37 7.40 -0.80
C THR A 140 18.52 8.66 -0.64
N ARG A 141 17.61 8.86 -1.60
CA ARG A 141 16.58 9.88 -1.49
C ARG A 141 15.22 9.16 -1.35
N GLU A 142 14.40 9.65 -0.42
CA GLU A 142 13.07 9.09 -0.18
C GLU A 142 12.26 9.07 -1.47
N ALA A 143 12.38 10.14 -2.28
CA ALA A 143 11.56 10.33 -3.46
C ALA A 143 11.84 9.26 -4.52
N LEU A 144 12.97 8.56 -4.39
CA LEU A 144 13.35 7.57 -5.39
C LEU A 144 13.22 6.15 -4.84
N GLY A 145 12.65 6.00 -3.63
CA GLY A 145 12.41 4.68 -3.07
C GLY A 145 12.01 4.75 -1.60
N VAL A 146 10.97 3.99 -1.22
CA VAL A 146 10.54 3.86 0.16
C VAL A 146 10.14 2.42 0.44
N LEU A 147 10.14 2.08 1.74
CA LEU A 147 9.66 0.79 2.22
C LEU A 147 8.14 0.75 2.09
N HIS A 148 7.65 0.09 1.04
CA HIS A 148 6.23 -0.04 0.79
C HIS A 148 5.80 -1.49 0.98
N PHE A 149 6.68 -2.27 1.65
CA PHE A 149 6.36 -3.61 2.10
C PHE A 149 5.28 -3.52 3.19
N LYS A 150 4.20 -4.29 2.99
CA LYS A 150 3.11 -4.33 3.95
C LYS A 150 3.11 -5.67 4.66
N GLY A 151 2.56 -5.68 5.87
CA GLY A 151 2.36 -6.92 6.60
C GLY A 151 2.74 -6.75 8.07
N PHE A 152 1.81 -7.13 8.94
CA PHE A 152 2.10 -7.34 10.35
C PHE A 152 2.13 -8.84 10.56
N ILE A 153 3.31 -9.38 10.85
CA ILE A 153 3.45 -10.83 10.96
C ILE A 153 3.43 -11.18 12.44
N ILE A 154 2.34 -11.84 12.87
CA ILE A 154 2.17 -12.17 14.27
C ILE A 154 1.96 -13.68 14.37
N ASP A 155 2.98 -14.35 14.91
CA ASP A 155 3.01 -15.80 15.04
C ASP A 155 2.79 -16.42 13.65
N ASP A 156 1.72 -17.21 13.52
CA ASP A 156 1.45 -17.96 12.31
C ASP A 156 0.58 -17.15 11.34
N SER A 157 0.36 -15.86 11.66
CA SER A 157 -0.63 -15.06 10.94
C SER A 157 0.01 -13.79 10.38
N VAL A 158 -0.61 -13.26 9.32
CA VAL A 158 -0.29 -11.95 8.79
C VAL A 158 -1.57 -11.12 8.78
N LEU A 159 -1.59 -10.04 9.57
CA LEU A 159 -2.59 -9.00 9.42
C LEU A 159 -2.10 -8.04 8.34
N TYR A 160 -2.76 -8.07 7.17
CA TYR A 160 -2.26 -7.41 5.98
C TYR A 160 -3.13 -6.19 5.68
N SER A 161 -2.45 -5.06 5.47
CA SER A 161 -3.11 -3.80 5.12
C SER A 161 -2.10 -2.85 4.49
N GLY A 162 -2.61 -1.90 3.69
CA GLY A 162 -1.77 -0.83 3.19
C GLY A 162 -1.46 0.19 4.28
N ALA A 163 -2.20 0.12 5.40
CA ALA A 163 -2.21 1.17 6.39
C ALA A 163 -0.84 1.30 7.07
N SER A 164 -0.42 2.56 7.24
CA SER A 164 0.59 2.90 8.23
C SER A 164 -0.10 3.07 9.59
N LEU A 165 0.68 3.46 10.61
CA LEU A 165 0.18 3.44 11.97
C LEU A 165 0.15 4.86 12.52
N ASN A 166 -1.04 5.47 12.46
CA ASN A 166 -1.26 6.82 12.94
C ASN A 166 -2.73 6.96 13.32
N ASP A 167 -3.16 8.20 13.54
CA ASP A 167 -4.52 8.49 13.99
C ASP A 167 -5.52 8.03 12.92
N VAL A 168 -5.38 8.57 11.71
CA VAL A 168 -6.41 8.42 10.68
C VAL A 168 -6.44 6.97 10.19
N TYR A 169 -5.27 6.33 10.05
CA TYR A 169 -5.23 4.96 9.56
C TYR A 169 -5.86 4.02 10.57
N LEU A 170 -5.78 4.37 11.86
CA LEU A 170 -6.31 3.53 12.92
C LEU A 170 -7.67 4.05 13.38
N HIS A 171 -8.14 5.13 12.75
CA HIS A 171 -9.36 5.82 13.16
C HIS A 171 -9.36 6.02 14.67
N GLN A 172 -8.30 6.65 15.18
CA GLN A 172 -8.12 6.87 16.60
C GLN A 172 -9.14 7.87 17.11
N HIS A 173 -9.39 8.91 16.30
CA HIS A 173 -10.27 10.02 16.66
C HIS A 173 -11.38 10.11 15.61
N ASP A 174 -11.63 11.31 15.08
CA ASP A 174 -12.83 11.58 14.31
C ASP A 174 -12.58 11.35 12.82
N LYS A 175 -11.34 11.56 12.36
CA LYS A 175 -11.00 11.38 10.96
C LYS A 175 -10.40 9.98 10.76
N TYR A 176 -10.57 9.43 9.56
CA TYR A 176 -9.98 8.15 9.21
C TYR A 176 -9.46 8.18 7.78
N ARG A 177 -8.56 7.23 7.49
CA ARG A 177 -8.01 7.01 6.17
C ARG A 177 -8.39 5.59 5.76
N TYR A 178 -9.12 5.48 4.65
CA TYR A 178 -9.75 4.22 4.26
C TYR A 178 -8.71 3.32 3.60
N ASP A 179 -8.45 2.16 4.23
CA ASP A 179 -7.60 1.12 3.67
C ASP A 179 -8.39 -0.18 3.68
N ARG A 180 -7.72 -1.31 3.44
CA ARG A 180 -8.32 -2.63 3.55
C ARG A 180 -7.55 -3.44 4.57
N TYR A 181 -8.21 -4.48 5.10
CA TYR A 181 -7.69 -5.17 6.28
C TYR A 181 -8.04 -6.65 6.16
N HIS A 182 -7.01 -7.49 5.98
CA HIS A 182 -7.20 -8.93 5.90
C HIS A 182 -6.24 -9.61 6.88
N LEU A 183 -6.80 -10.48 7.73
CA LEU A 183 -6.00 -11.35 8.58
C LEU A 183 -6.01 -12.74 7.98
N ILE A 184 -4.81 -13.29 7.77
CA ILE A 184 -4.65 -14.62 7.20
C ILE A 184 -3.75 -15.44 8.13
N ARG A 185 -4.35 -16.43 8.79
CA ARG A 185 -3.60 -17.44 9.53
C ARG A 185 -3.08 -18.46 8.52
N ASN A 186 -1.75 -18.51 8.37
CA ASN A 186 -1.10 -19.44 7.46
C ASN A 186 0.36 -19.56 7.90
N ARG A 187 0.68 -20.68 8.56
CA ARG A 187 2.01 -20.95 9.08
C ARG A 187 3.05 -20.74 7.97
N LYS A 188 2.85 -21.42 6.83
CA LYS A 188 3.85 -21.46 5.78
C LYS A 188 4.09 -20.08 5.17
N MET A 189 3.00 -19.31 4.95
CA MET A 189 3.09 -18.02 4.30
C MET A 189 3.77 -17.01 5.22
N SER A 190 3.36 -17.01 6.50
CA SER A 190 3.87 -16.05 7.46
C SER A 190 5.35 -16.32 7.72
N ASP A 191 5.70 -17.61 7.78
CA ASP A 191 7.10 -18.02 7.90
C ASP A 191 7.88 -17.45 6.71
N ILE A 192 7.36 -17.67 5.49
CA ILE A 192 8.04 -17.21 4.27
C ILE A 192 8.23 -15.70 4.34
N MET A 193 7.19 -14.98 4.74
CA MET A 193 7.26 -13.52 4.80
C MET A 193 8.20 -13.08 5.92
N PHE A 194 8.12 -13.73 7.09
CA PHE A 194 8.91 -13.35 8.25
C PHE A 194 10.40 -13.55 7.95
N GLU A 195 10.75 -14.73 7.40
CA GLU A 195 12.13 -15.09 7.13
C GLU A 195 12.73 -14.15 6.07
N TRP A 196 11.94 -13.88 5.01
CA TRP A 196 12.36 -12.97 3.96
C TRP A 196 12.74 -11.62 4.56
N VAL A 197 11.91 -11.11 5.46
CA VAL A 197 12.16 -9.83 6.10
C VAL A 197 13.46 -9.92 6.90
N THR A 198 13.65 -11.05 7.60
CA THR A 198 14.84 -11.26 8.42
C THR A 198 16.07 -11.30 7.52
N GLN A 199 16.02 -12.14 6.48
CA GLN A 199 17.18 -12.37 5.63
C GLN A 199 17.53 -11.14 4.78
N ASN A 200 16.52 -10.46 4.21
CA ASN A 200 16.78 -9.49 3.16
C ASN A 200 16.76 -8.06 3.70
N ILE A 201 16.12 -7.82 4.85
CA ILE A 201 16.06 -6.48 5.41
C ILE A 201 16.89 -6.42 6.69
N MET A 202 16.39 -7.07 7.75
CA MET A 202 16.95 -6.98 9.10
C MET A 202 18.47 -6.90 9.07
N ASN A 203 19.11 -8.00 8.63
CA ASN A 203 20.55 -7.99 8.37
C ASN A 203 20.75 -7.67 6.89
N GLY A 204 21.28 -6.48 6.64
CA GLY A 204 21.38 -5.90 5.31
C GLY A 204 22.01 -4.51 5.40
N ARG A 205 22.73 -4.12 4.35
CA ARG A 205 23.69 -3.03 4.42
C ARG A 205 23.05 -1.76 4.97
N GLY A 206 21.92 -1.36 4.38
CA GLY A 206 21.37 -0.03 4.56
C GLY A 206 20.63 0.15 5.88
N VAL A 207 20.15 -0.96 6.46
CA VAL A 207 19.23 -0.91 7.58
C VAL A 207 19.95 -0.47 8.85
N ASN A 208 19.45 0.60 9.46
CA ASN A 208 20.00 1.15 10.70
C ASN A 208 18.87 1.41 11.68
N ARG A 209 19.23 1.49 12.97
CA ARG A 209 18.25 1.55 14.05
C ARG A 209 17.89 3.01 14.33
N LEU A 210 16.58 3.29 14.29
CA LEU A 210 16.06 4.64 14.44
C LEU A 210 15.94 5.00 15.92
N ASP A 211 15.99 3.98 16.79
CA ASP A 211 15.78 4.20 18.21
C ASP A 211 17.14 4.42 18.90
N ASP A 212 18.02 5.15 18.22
CA ASP A 212 19.36 5.46 18.70
C ASP A 212 19.67 6.91 18.34
N VAL A 213 20.02 7.72 19.34
CA VAL A 213 20.19 9.16 19.15
C VAL A 213 21.39 9.41 18.24
N ASN A 214 22.39 8.52 18.29
CA ASN A 214 23.56 8.61 17.45
C ASN A 214 23.44 7.71 16.23
N ARG A 215 22.20 7.57 15.72
CA ARG A 215 21.99 6.93 14.42
C ARG A 215 22.71 7.74 13.36
N PRO A 216 23.30 7.10 12.33
CA PRO A 216 24.03 7.83 11.29
C PRO A 216 23.13 8.73 10.46
N LYS A 217 23.75 9.66 9.72
CA LYS A 217 23.06 10.40 8.67
C LYS A 217 23.28 9.67 7.34
N SER A 218 22.58 10.13 6.30
CA SER A 218 22.52 9.42 5.03
C SER A 218 23.86 9.45 4.28
N PRO A 219 24.66 10.55 4.33
CA PRO A 219 25.94 10.57 3.61
C PRO A 219 26.87 9.40 3.93
N GLU A 220 26.80 8.91 5.18
CA GLU A 220 27.71 7.87 5.67
C GLU A 220 27.31 6.50 5.11
N ILE A 221 26.02 6.31 4.80
CA ILE A 221 25.51 5.00 4.42
C ILE A 221 25.06 5.02 2.96
N LYS A 222 25.43 6.08 2.23
CA LYS A 222 24.98 6.30 0.86
C LYS A 222 25.37 5.12 -0.02
N ASN A 223 26.56 4.54 0.24
CA ASN A 223 27.08 3.45 -0.57
C ASN A 223 26.51 2.11 -0.09
N ASP A 224 26.22 2.02 1.22
CA ASP A 224 25.53 0.86 1.78
C ASP A 224 24.14 0.73 1.15
N ILE A 225 23.46 1.88 0.98
CA ILE A 225 22.11 1.92 0.44
C ILE A 225 22.13 1.48 -1.03
N ARG A 226 23.18 1.88 -1.77
CA ARG A 226 23.31 1.57 -3.18
C ARG A 226 23.39 0.05 -3.37
N LEU A 227 24.20 -0.63 -2.55
CA LEU A 227 24.39 -2.07 -2.65
C LEU A 227 23.16 -2.81 -2.13
N PHE A 228 22.50 -2.21 -1.14
CA PHE A 228 21.26 -2.76 -0.59
C PHE A 228 20.21 -2.83 -1.71
N ARG A 229 20.01 -1.70 -2.37
CA ARG A 229 19.05 -1.59 -3.46
C ARG A 229 19.37 -2.61 -4.56
N GLN A 230 20.67 -2.82 -4.84
CA GLN A 230 21.09 -3.70 -5.91
C GLN A 230 20.79 -5.16 -5.54
N GLU A 231 20.81 -5.48 -4.24
CA GLU A 231 20.46 -6.82 -3.78
C GLU A 231 18.94 -6.98 -3.82
N LEU A 232 18.21 -5.91 -3.47
CA LEU A 232 16.76 -5.92 -3.47
C LEU A 232 16.21 -5.90 -4.90
N ARG A 233 17.03 -5.48 -5.87
CA ARG A 233 16.66 -5.58 -7.27
C ARG A 233 16.34 -7.04 -7.60
N ASP A 234 16.88 -7.96 -6.80
CA ASP A 234 16.65 -9.38 -6.98
C ASP A 234 15.54 -9.87 -6.03
N ALA A 235 14.80 -8.92 -5.42
CA ALA A 235 13.87 -9.22 -4.34
C ALA A 235 12.80 -10.20 -4.79
N ALA A 236 12.77 -11.39 -4.18
CA ALA A 236 11.76 -12.38 -4.47
C ALA A 236 11.61 -13.34 -3.30
N TYR A 237 10.44 -13.99 -3.23
CA TYR A 237 10.21 -15.12 -2.35
C TYR A 237 10.53 -16.39 -3.13
N HIS A 238 10.99 -17.43 -2.42
CA HIS A 238 11.21 -18.73 -3.03
C HIS A 238 10.62 -19.80 -2.13
N PHE A 239 9.60 -20.50 -2.63
CA PHE A 239 8.93 -21.53 -1.86
C PHE A 239 8.30 -22.52 -2.83
N GLN A 240 8.08 -23.75 -2.36
CA GLN A 240 7.40 -24.76 -3.13
C GLN A 240 5.90 -24.56 -2.95
N GLY A 241 5.14 -24.69 -4.04
CA GLY A 241 3.69 -24.72 -3.96
C GLY A 241 3.21 -26.05 -3.39
N ASP A 242 2.11 -26.03 -2.64
CA ASP A 242 1.53 -27.24 -2.08
C ASP A 242 0.03 -27.32 -2.38
N ALA A 243 -0.47 -26.41 -3.25
CA ALA A 243 -1.88 -26.37 -3.57
C ALA A 243 -2.06 -26.31 -5.08
N ASP A 244 -3.16 -26.92 -5.54
CA ASP A 244 -3.53 -26.93 -6.95
C ASP A 244 -4.45 -25.75 -7.24
N ASN A 245 -4.78 -25.58 -8.53
CA ASN A 245 -5.52 -24.40 -8.99
C ASN A 245 -7.03 -24.58 -8.83
N ASP A 246 -7.47 -25.61 -8.09
CA ASP A 246 -8.89 -25.78 -7.83
C ASP A 246 -9.18 -25.73 -6.33
N GLN A 247 -8.27 -25.13 -5.55
CA GLN A 247 -8.49 -24.97 -4.12
C GLN A 247 -8.03 -23.58 -3.68
N LEU A 248 -8.66 -23.07 -2.63
CA LEU A 248 -8.32 -21.79 -2.03
C LEU A 248 -6.82 -21.77 -1.73
N SER A 249 -6.15 -20.69 -2.15
CA SER A 249 -4.71 -20.58 -1.94
C SER A 249 -4.34 -19.11 -1.75
N VAL A 250 -3.12 -18.91 -1.24
CA VAL A 250 -2.51 -17.59 -1.16
C VAL A 250 -1.12 -17.71 -1.78
N THR A 251 -0.72 -16.65 -2.50
CA THR A 251 0.62 -16.57 -3.07
C THR A 251 1.25 -15.26 -2.62
N PRO A 252 2.16 -15.25 -1.62
CA PRO A 252 2.88 -14.03 -1.26
C PRO A 252 3.75 -13.62 -2.43
N LEU A 253 3.78 -12.30 -2.69
CA LEU A 253 4.55 -11.71 -3.77
C LEU A 253 5.29 -10.50 -3.20
N VAL A 254 6.56 -10.37 -3.59
CA VAL A 254 7.38 -9.22 -3.22
C VAL A 254 8.16 -8.84 -4.47
N GLY A 255 8.53 -7.55 -4.58
CA GLY A 255 9.26 -7.11 -5.75
C GLY A 255 9.82 -5.70 -5.60
N LEU A 256 10.82 -5.41 -6.43
CA LEU A 256 11.30 -4.05 -6.63
C LEU A 256 11.78 -3.92 -8.08
N GLY A 257 11.16 -3.02 -8.83
CA GLY A 257 11.61 -2.66 -10.17
C GLY A 257 11.07 -3.63 -11.23
N LYS A 258 11.80 -3.70 -12.35
CA LYS A 258 11.40 -4.43 -13.54
C LYS A 258 11.40 -5.94 -13.29
N SER A 259 12.17 -6.40 -12.29
CA SER A 259 12.27 -7.81 -11.98
C SER A 259 11.14 -8.28 -11.06
N SER A 260 10.31 -7.34 -10.57
CA SER A 260 9.25 -7.66 -9.63
C SER A 260 8.31 -8.73 -10.19
N LEU A 261 8.16 -9.83 -9.45
CA LEU A 261 7.21 -10.87 -9.79
C LEU A 261 5.78 -10.35 -9.55
N LEU A 262 5.65 -9.46 -8.56
CA LEU A 262 4.39 -8.79 -8.28
C LEU A 262 3.89 -8.05 -9.51
N ASN A 263 4.76 -7.20 -10.08
CA ASN A 263 4.40 -6.38 -11.24
C ASN A 263 4.02 -7.28 -12.41
N LYS A 264 4.77 -8.37 -12.63
CA LYS A 264 4.46 -9.30 -13.72
C LYS A 264 3.13 -9.98 -13.44
N THR A 265 2.87 -10.32 -12.18
CA THR A 265 1.61 -10.96 -11.82
C THR A 265 0.46 -9.96 -11.96
N ILE A 266 0.69 -8.70 -11.56
CA ILE A 266 -0.27 -7.64 -11.81
C ILE A 266 -0.56 -7.55 -13.32
N PHE A 267 0.51 -7.60 -14.12
CA PHE A 267 0.40 -7.50 -15.57
C PHE A 267 -0.50 -8.61 -16.12
N HIS A 268 -0.24 -9.87 -15.75
CA HIS A 268 -0.94 -11.01 -16.34
C HIS A 268 -2.33 -11.22 -15.74
N LEU A 269 -2.60 -10.66 -14.55
CA LEU A 269 -3.90 -10.81 -13.91
C LEU A 269 -4.98 -10.20 -14.80
N MET A 270 -4.77 -8.94 -15.17
CA MET A 270 -5.80 -8.14 -15.82
C MET A 270 -6.37 -8.88 -17.03
N PRO A 271 -5.55 -9.36 -18.00
CA PRO A 271 -6.06 -10.10 -19.15
C PRO A 271 -6.76 -11.41 -18.83
N CYS A 272 -6.59 -11.94 -17.61
CA CYS A 272 -7.24 -13.19 -17.24
C CYS A 272 -8.71 -12.97 -16.88
N ALA A 273 -9.14 -11.71 -16.81
CA ALA A 273 -10.53 -11.41 -16.51
C ALA A 273 -11.44 -11.91 -17.64
N GLU A 274 -12.36 -12.81 -17.30
CA GLU A 274 -13.34 -13.32 -18.25
C GLU A 274 -14.57 -12.43 -18.32
N GLN A 275 -14.87 -11.72 -17.21
CA GLN A 275 -16.05 -10.89 -17.10
C GLN A 275 -15.69 -9.46 -16.67
N LYS A 276 -14.96 -9.35 -15.55
CA LYS A 276 -14.80 -8.05 -14.92
C LYS A 276 -13.44 -7.94 -14.21
N LEU A 277 -12.85 -6.75 -14.30
CA LEU A 277 -11.69 -6.38 -13.50
C LEU A 277 -12.04 -5.18 -12.64
N THR A 278 -11.73 -5.24 -11.34
CA THR A 278 -11.85 -4.10 -10.44
C THR A 278 -10.46 -3.73 -9.90
N ILE A 279 -10.17 -2.42 -9.89
CA ILE A 279 -8.89 -1.88 -9.48
C ILE A 279 -9.15 -0.80 -8.43
N CYS A 280 -8.38 -0.81 -7.35
CA CYS A 280 -8.31 0.29 -6.41
C CYS A 280 -6.91 0.90 -6.45
N THR A 281 -6.84 2.23 -6.48
CA THR A 281 -5.59 2.94 -6.21
C THR A 281 -5.93 4.34 -5.68
N PRO A 282 -5.20 4.85 -4.67
CA PRO A 282 -5.36 6.23 -4.22
C PRO A 282 -4.51 7.24 -4.98
N TYR A 283 -3.72 6.75 -5.92
CA TYR A 283 -2.87 7.58 -6.78
C TYR A 283 -3.00 7.09 -8.22
N PHE A 284 -3.99 7.63 -8.93
CA PHE A 284 -4.30 7.15 -10.27
C PHE A 284 -3.28 7.70 -11.25
N ASN A 285 -2.43 6.80 -11.75
CA ASN A 285 -1.32 7.15 -12.61
C ASN A 285 -0.81 5.86 -13.24
N LEU A 286 -1.69 5.20 -14.00
CA LEU A 286 -1.41 3.86 -14.50
C LEU A 286 -0.26 3.92 -15.51
N PRO A 287 0.78 3.06 -15.36
CA PRO A 287 1.74 2.83 -16.43
C PRO A 287 1.05 2.37 -17.71
N ALA A 288 1.61 2.79 -18.86
CA ALA A 288 1.03 2.57 -20.16
C ALA A 288 0.66 1.09 -20.35
N ILE A 289 1.50 0.18 -19.85
CA ILE A 289 1.28 -1.24 -20.09
C ILE A 289 -0.02 -1.69 -19.42
N LEU A 290 -0.36 -1.07 -18.28
CA LEU A 290 -1.57 -1.43 -17.56
C LEU A 290 -2.80 -0.82 -18.25
N VAL A 291 -2.63 0.38 -18.81
CA VAL A 291 -3.71 1.03 -19.54
C VAL A 291 -4.07 0.20 -20.78
N ARG A 292 -3.05 -0.38 -21.44
CA ARG A 292 -3.27 -1.20 -22.62
C ARG A 292 -4.07 -2.45 -22.26
N ASN A 293 -3.78 -3.05 -21.10
CA ASN A 293 -4.52 -4.19 -20.60
C ASN A 293 -6.02 -3.84 -20.49
N ILE A 294 -6.30 -2.68 -19.90
CA ILE A 294 -7.65 -2.23 -19.65
C ILE A 294 -8.38 -2.04 -20.99
N ILE A 295 -7.72 -1.36 -21.94
CA ILE A 295 -8.29 -1.12 -23.25
C ILE A 295 -8.61 -2.45 -23.95
N GLN A 296 -7.70 -3.42 -23.80
CA GLN A 296 -7.91 -4.74 -24.37
C GLN A 296 -9.20 -5.35 -23.80
N LEU A 297 -9.31 -5.35 -22.47
CA LEU A 297 -10.48 -5.90 -21.79
C LEU A 297 -11.75 -5.23 -22.31
N LEU A 298 -11.73 -3.89 -22.36
CA LEU A 298 -12.87 -3.12 -22.84
C LEU A 298 -13.25 -3.53 -24.26
N ARG A 299 -12.23 -3.73 -25.09
CA ARG A 299 -12.43 -4.09 -26.49
C ARG A 299 -12.95 -5.52 -26.64
N GLU A 300 -12.79 -6.36 -25.61
CA GLU A 300 -13.33 -7.71 -25.62
C GLU A 300 -14.74 -7.76 -25.02
N GLY A 301 -15.33 -6.58 -24.73
CA GLY A 301 -16.70 -6.50 -24.27
C GLY A 301 -16.82 -6.69 -22.76
N LYS A 302 -15.69 -6.72 -22.05
CA LYS A 302 -15.65 -7.00 -20.62
C LYS A 302 -15.79 -5.70 -19.84
N LYS A 303 -15.98 -5.84 -18.52
CA LYS A 303 -16.22 -4.69 -17.65
C LYS A 303 -14.95 -4.37 -16.87
N VAL A 304 -14.68 -3.09 -16.65
CA VAL A 304 -13.54 -2.64 -15.87
C VAL A 304 -14.03 -1.60 -14.87
N GLU A 305 -13.74 -1.83 -13.58
CA GLU A 305 -14.16 -0.95 -12.52
C GLU A 305 -12.91 -0.36 -11.85
N ILE A 306 -12.86 0.96 -11.75
CA ILE A 306 -11.70 1.66 -11.22
C ILE A 306 -12.17 2.57 -10.09
N ILE A 307 -11.77 2.22 -8.86
CA ILE A 307 -12.23 2.92 -7.67
C ILE A 307 -11.09 3.79 -7.15
N VAL A 308 -11.22 5.10 -7.35
CA VAL A 308 -10.20 6.07 -6.97
C VAL A 308 -10.83 7.07 -6.01
N GLY A 309 -9.98 7.76 -5.26
CA GLY A 309 -10.42 8.79 -4.34
C GLY A 309 -10.64 10.11 -5.07
N ASP A 310 -11.61 10.89 -4.59
CA ASP A 310 -11.70 12.30 -4.96
C ASP A 310 -10.41 12.97 -4.53
N LYS A 311 -10.05 14.05 -5.22
CA LYS A 311 -8.83 14.77 -4.89
C LYS A 311 -8.87 15.28 -3.46
N THR A 312 -10.09 15.60 -2.95
CA THR A 312 -10.28 16.08 -1.59
C THR A 312 -10.07 14.96 -0.57
N ALA A 313 -10.05 13.70 -1.04
CA ALA A 313 -9.79 12.55 -0.20
C ALA A 313 -8.36 12.03 -0.38
N ASN A 314 -7.51 12.82 -1.05
CA ASN A 314 -6.09 12.53 -1.16
C ASN A 314 -5.37 13.16 0.03
N ASP A 315 -4.42 12.45 0.63
CA ASP A 315 -3.86 12.90 1.90
C ASP A 315 -2.86 14.04 1.68
N PHE A 316 -2.59 14.39 0.42
CA PHE A 316 -1.76 15.54 0.08
C PHE A 316 -2.61 16.79 -0.10
N TYR A 317 -3.94 16.64 -0.09
CA TYR A 317 -4.85 17.74 -0.38
C TYR A 317 -4.75 18.79 0.73
N ILE A 318 -4.69 20.05 0.33
CA ILE A 318 -4.82 21.17 1.24
C ILE A 318 -6.06 21.97 0.82
N PRO A 319 -7.04 22.19 1.73
CA PRO A 319 -8.23 23.00 1.40
C PRO A 319 -7.89 24.43 0.96
N GLU A 320 -8.85 25.10 0.31
CA GLU A 320 -8.71 26.51 -0.05
C GLU A 320 -8.40 27.32 1.21
N ASP A 321 -9.17 27.09 2.29
CA ASP A 321 -8.98 27.72 3.59
C ASP A 321 -7.51 27.95 3.89
N GLU A 322 -6.75 26.86 4.02
CA GLU A 322 -5.41 26.87 4.59
C GLU A 322 -4.41 27.40 3.56
N PRO A 323 -3.23 27.89 3.98
CA PRO A 323 -2.24 28.41 3.04
C PRO A 323 -1.88 27.32 2.04
N PHE A 324 -1.72 27.72 0.78
CA PHE A 324 -1.35 26.77 -0.26
C PHE A 324 0.13 26.40 -0.11
N LYS A 325 0.44 25.12 -0.32
CA LYS A 325 1.80 24.63 -0.38
C LYS A 325 1.94 23.82 -1.67
N ILE A 326 3.16 23.77 -2.21
CA ILE A 326 3.38 23.30 -3.57
C ILE A 326 3.04 21.81 -3.67
N ILE A 327 3.29 21.06 -2.58
CA ILE A 327 2.99 19.63 -2.53
C ILE A 327 1.48 19.40 -2.68
N GLY A 328 0.69 20.40 -2.30
CA GLY A 328 -0.76 20.32 -2.39
C GLY A 328 -1.29 20.26 -3.82
N ALA A 329 -0.40 20.30 -4.82
CA ALA A 329 -0.79 20.23 -6.22
C ALA A 329 -0.93 18.79 -6.70
N LEU A 330 -0.48 17.81 -5.91
CA LEU A 330 -0.42 16.42 -6.34
C LEU A 330 -1.82 15.90 -6.66
N PRO A 331 -2.85 16.06 -5.79
CA PRO A 331 -4.18 15.51 -6.06
C PRO A 331 -4.77 16.04 -7.37
N TYR A 332 -4.43 17.29 -7.70
CA TYR A 332 -4.87 17.89 -8.95
C TYR A 332 -4.25 17.12 -10.11
N LEU A 333 -2.95 16.80 -10.00
CA LEU A 333 -2.27 16.06 -11.05
C LEU A 333 -2.87 14.66 -11.19
N TYR A 334 -3.17 14.01 -10.06
CA TYR A 334 -3.75 12.69 -10.11
C TYR A 334 -5.14 12.74 -10.75
N GLU A 335 -5.87 13.85 -10.58
CA GLU A 335 -7.18 13.99 -11.19
C GLU A 335 -7.03 14.25 -12.70
N ILE A 336 -6.05 15.08 -13.07
CA ILE A 336 -5.74 15.34 -14.47
C ILE A 336 -5.52 14.00 -15.18
N ASN A 337 -4.73 13.13 -14.56
CA ASN A 337 -4.44 11.80 -15.09
C ASN A 337 -5.75 11.04 -15.37
N LEU A 338 -6.69 11.11 -14.41
CA LEU A 338 -7.92 10.36 -14.48
C LEU A 338 -8.80 10.91 -15.60
N ARG A 339 -8.88 12.25 -15.68
CA ARG A 339 -9.73 12.91 -16.66
C ARG A 339 -9.22 12.62 -18.07
N ARG A 340 -7.89 12.66 -18.24
CA ARG A 340 -7.26 12.32 -19.50
C ARG A 340 -7.58 10.87 -19.87
N PHE A 341 -7.49 9.97 -18.88
CA PHE A 341 -7.78 8.56 -19.07
C PHE A 341 -9.25 8.36 -19.40
N LEU A 342 -10.13 9.10 -18.71
CA LEU A 342 -11.57 8.98 -18.94
C LEU A 342 -11.94 9.55 -20.32
N SER A 343 -11.27 10.63 -20.74
CA SER A 343 -11.59 11.25 -22.02
C SER A 343 -11.28 10.30 -23.16
N ARG A 344 -10.14 9.60 -23.05
CA ARG A 344 -9.73 8.62 -24.05
C ARG A 344 -10.75 7.49 -24.18
N LEU A 345 -11.38 7.09 -23.07
CA LEU A 345 -12.19 5.88 -23.04
C LEU A 345 -13.66 6.18 -22.76
N GLN A 346 -14.12 7.38 -23.14
CA GLN A 346 -15.47 7.82 -22.82
C GLN A 346 -16.52 6.90 -23.45
N TYR A 347 -16.17 6.26 -24.58
CA TYR A 347 -17.10 5.34 -25.23
C TYR A 347 -17.48 4.23 -24.24
N TYR A 348 -16.49 3.69 -23.54
CA TYR A 348 -16.71 2.53 -22.68
C TYR A 348 -17.44 2.95 -21.40
N VAL A 349 -17.40 4.23 -21.06
CA VAL A 349 -18.21 4.76 -19.97
C VAL A 349 -19.66 4.79 -20.45
N ASN A 350 -19.87 5.13 -21.72
CA ASN A 350 -21.19 5.19 -22.32
C ASN A 350 -21.84 3.81 -22.39
N THR A 351 -21.05 2.76 -22.67
CA THR A 351 -21.57 1.41 -22.84
C THR A 351 -21.70 0.70 -21.50
N ASP A 352 -21.30 1.38 -20.41
CA ASP A 352 -21.42 0.86 -19.04
C ASP A 352 -20.39 -0.23 -18.76
N GLN A 353 -19.37 -0.35 -19.61
CA GLN A 353 -18.30 -1.31 -19.39
C GLN A 353 -17.23 -0.72 -18.47
N LEU A 354 -16.94 0.58 -18.65
CA LEU A 354 -15.96 1.26 -17.83
C LEU A 354 -16.69 2.05 -16.75
N VAL A 355 -16.46 1.66 -15.49
CA VAL A 355 -17.10 2.28 -14.34
C VAL A 355 -16.00 2.85 -13.45
N VAL A 356 -15.87 4.18 -13.47
CA VAL A 356 -14.93 4.89 -12.63
C VAL A 356 -15.70 5.50 -11.47
N ARG A 357 -15.33 5.12 -10.24
CA ARG A 357 -15.99 5.57 -9.03
C ARG A 357 -15.07 6.52 -8.26
N LEU A 358 -15.57 7.73 -7.98
CA LEU A 358 -14.90 8.68 -7.11
C LEU A 358 -15.36 8.41 -5.68
N TRP A 359 -14.41 8.13 -4.79
CA TRP A 359 -14.70 7.94 -3.38
C TRP A 359 -14.54 9.26 -2.64
N LYS A 360 -15.53 9.57 -1.78
CA LYS A 360 -15.49 10.77 -0.96
C LYS A 360 -16.43 10.62 0.22
N ASP A 361 -15.93 11.00 1.40
CA ASP A 361 -16.67 10.94 2.65
C ASP A 361 -16.20 12.09 3.54
N ASP A 362 -16.79 13.28 3.30
CA ASP A 362 -16.35 14.50 3.94
C ASP A 362 -14.85 14.64 3.71
N ASP A 363 -14.07 14.80 4.79
CA ASP A 363 -12.65 15.09 4.68
C ASP A 363 -11.83 13.86 5.07
N ASN A 364 -12.49 12.70 5.20
CA ASN A 364 -11.77 11.44 5.36
C ASN A 364 -10.97 11.18 4.08
N THR A 365 -9.91 10.36 4.18
CA THR A 365 -9.02 10.17 3.04
C THR A 365 -9.06 8.73 2.56
N TYR A 366 -8.56 8.54 1.32
CA TYR A 366 -8.69 7.30 0.58
C TYR A 366 -7.32 6.67 0.33
N ALA A 367 -7.17 5.39 0.68
CA ALA A 367 -5.91 4.68 0.52
C ALA A 367 -6.10 3.25 0.03
N LEU A 368 -7.23 2.95 -0.63
CA LEU A 368 -7.54 1.57 -0.97
C LEU A 368 -6.61 1.10 -2.10
N LYS A 369 -6.10 -0.13 -1.95
CA LYS A 369 -5.42 -0.82 -3.04
C LYS A 369 -6.11 -2.15 -3.30
N GLY A 370 -5.82 -2.73 -4.46
CA GLY A 370 -6.23 -4.10 -4.73
C GLY A 370 -6.66 -4.31 -6.18
N MET A 371 -6.63 -5.58 -6.59
CA MET A 371 -7.23 -6.01 -7.84
C MET A 371 -8.18 -7.16 -7.53
N TRP A 372 -9.29 -7.20 -8.27
CA TRP A 372 -10.21 -8.32 -8.29
C TRP A 372 -10.33 -8.79 -9.74
N VAL A 373 -10.04 -10.06 -10.00
CA VAL A 373 -10.21 -10.62 -11.34
C VAL A 373 -11.41 -11.57 -11.28
N ASP A 374 -12.49 -11.18 -11.97
CA ASP A 374 -13.76 -11.89 -11.89
C ASP A 374 -14.13 -12.06 -10.43
N ASP A 375 -14.50 -13.29 -10.04
CA ASP A 375 -14.83 -13.64 -8.66
C ASP A 375 -13.81 -14.67 -8.17
N LYS A 376 -12.65 -14.75 -8.85
CA LYS A 376 -11.74 -15.88 -8.72
C LYS A 376 -10.42 -15.46 -8.07
N TRP A 377 -9.91 -14.26 -8.40
CA TRP A 377 -8.67 -13.77 -7.81
C TRP A 377 -8.94 -12.51 -7.00
N MET A 378 -8.21 -12.37 -5.90
CA MET A 378 -8.13 -11.10 -5.20
C MET A 378 -6.66 -10.82 -4.88
N LEU A 379 -6.17 -9.68 -5.36
CA LEU A 379 -4.85 -9.21 -5.00
C LEU A 379 -5.00 -8.17 -3.90
N ILE A 380 -4.50 -8.49 -2.70
CA ILE A 380 -4.36 -7.51 -1.64
C ILE A 380 -2.89 -7.12 -1.59
N THR A 381 -2.63 -5.81 -1.59
CA THR A 381 -1.29 -5.29 -1.85
C THR A 381 -1.18 -3.87 -1.30
N GLY A 382 0.05 -3.40 -1.15
CA GLY A 382 0.33 -1.98 -0.96
C GLY A 382 0.56 -1.27 -2.29
N ASN A 383 0.63 -2.05 -3.38
CA ASN A 383 0.98 -1.55 -4.71
C ASN A 383 -0.13 -0.62 -5.21
N ASN A 384 0.24 0.62 -5.53
CA ASN A 384 -0.70 1.65 -5.93
C ASN A 384 -0.82 1.73 -7.46
N LEU A 385 -0.25 0.74 -8.17
CA LEU A 385 -0.30 0.66 -9.62
C LEU A 385 0.15 1.96 -10.29
N ASN A 386 1.24 2.56 -9.78
CA ASN A 386 1.79 3.79 -10.33
C ASN A 386 3.28 3.61 -10.63
N PRO A 387 3.93 4.56 -11.33
CA PRO A 387 5.38 4.50 -11.56
C PRO A 387 6.25 4.24 -10.33
N ARG A 388 5.84 4.79 -9.18
CA ARG A 388 6.53 4.53 -7.93
C ARG A 388 6.65 3.02 -7.68
N ALA A 389 5.52 2.32 -7.73
CA ALA A 389 5.49 0.90 -7.42
C ALA A 389 6.17 0.09 -8.52
N TRP A 390 6.17 0.64 -9.74
CA TRP A 390 6.67 -0.10 -10.88
C TRP A 390 8.20 -0.11 -10.88
N ARG A 391 8.81 0.99 -10.44
CA ARG A 391 10.24 1.20 -10.58
C ARG A 391 10.94 1.43 -9.24
N LEU A 392 10.30 2.15 -8.31
CA LEU A 392 11.04 2.76 -7.21
C LEU A 392 10.96 1.96 -5.92
N ASP A 393 9.74 1.63 -5.46
CA ASP A 393 9.52 1.27 -4.07
C ASP A 393 9.46 -0.25 -3.91
N LEU A 394 9.81 -0.71 -2.70
CA LEU A 394 9.75 -2.12 -2.37
C LEU A 394 8.30 -2.47 -2.10
N GLU A 395 7.71 -3.27 -2.99
CA GLU A 395 6.29 -3.59 -2.95
C GLU A 395 6.12 -5.06 -2.60
N ASN A 396 4.97 -5.39 -1.99
CA ASN A 396 4.59 -6.77 -1.78
C ASN A 396 3.07 -6.90 -1.89
N ALA A 397 2.61 -8.15 -1.79
CA ALA A 397 1.19 -8.46 -1.93
C ALA A 397 0.93 -9.88 -1.43
N ILE A 398 -0.36 -10.20 -1.29
CA ILE A 398 -0.81 -11.57 -1.15
C ILE A 398 -1.87 -11.78 -2.22
N LEU A 399 -1.69 -12.79 -3.07
CA LEU A 399 -2.65 -13.10 -4.13
C LEU A 399 -3.50 -14.28 -3.69
N ILE A 400 -4.80 -14.02 -3.49
CA ILE A 400 -5.75 -15.03 -3.04
C ILE A 400 -6.42 -15.62 -4.28
N HIS A 401 -6.34 -16.95 -4.43
CA HIS A 401 -7.09 -17.66 -5.46
C HIS A 401 -8.24 -18.41 -4.78
N ASP A 402 -9.47 -18.08 -5.17
CA ASP A 402 -10.67 -18.58 -4.52
C ASP A 402 -11.56 -19.28 -5.56
N PRO A 403 -11.09 -20.38 -6.19
CA PRO A 403 -11.82 -20.99 -7.31
C PRO A 403 -13.20 -21.53 -6.96
N GLN A 404 -13.39 -21.93 -5.69
CA GLN A 404 -14.65 -22.51 -5.26
C GLN A 404 -15.55 -21.44 -4.63
N LEU A 405 -15.12 -20.17 -4.66
CA LEU A 405 -15.92 -19.05 -4.24
C LEU A 405 -16.23 -19.13 -2.74
N GLU A 406 -15.26 -19.57 -1.95
CA GLU A 406 -15.45 -19.79 -0.52
C GLU A 406 -15.47 -18.46 0.24
N LEU A 407 -14.91 -17.40 -0.36
CA LEU A 407 -14.85 -16.08 0.28
C LEU A 407 -15.85 -15.12 -0.34
N ALA A 408 -16.87 -15.63 -1.05
CA ALA A 408 -17.81 -14.79 -1.78
C ALA A 408 -18.55 -13.84 -0.85
N PRO A 409 -19.04 -14.28 0.34
CA PRO A 409 -19.73 -13.37 1.26
C PRO A 409 -18.85 -12.18 1.64
N GLN A 410 -17.57 -12.45 1.95
CA GLN A 410 -16.66 -11.42 2.42
C GLN A 410 -16.25 -10.49 1.28
N ARG A 411 -15.97 -11.07 0.10
CA ARG A 411 -15.60 -10.28 -1.07
C ARG A 411 -16.73 -9.31 -1.39
N GLU A 412 -17.96 -9.83 -1.51
CA GLU A 412 -19.11 -9.04 -1.89
C GLU A 412 -19.38 -7.94 -0.85
N LYS A 413 -19.27 -8.30 0.43
CA LYS A 413 -19.54 -7.37 1.51
C LYS A 413 -18.52 -6.24 1.48
N GLU A 414 -17.24 -6.60 1.28
CA GLU A 414 -16.16 -5.63 1.27
C GLU A 414 -16.34 -4.63 0.12
N LEU A 415 -16.67 -5.14 -1.07
CA LEU A 415 -16.87 -4.28 -2.23
C LEU A 415 -18.11 -3.40 -2.06
N GLU A 416 -19.15 -3.94 -1.44
CA GLU A 416 -20.37 -3.19 -1.17
C GLU A 416 -20.03 -1.99 -0.30
N LEU A 417 -19.21 -2.21 0.73
CA LEU A 417 -18.81 -1.15 1.64
C LEU A 417 -17.82 -0.18 0.97
N ILE A 418 -16.93 -0.69 0.12
CA ILE A 418 -15.98 0.16 -0.60
C ILE A 418 -16.76 1.12 -1.50
N ARG A 419 -17.82 0.62 -2.13
CA ARG A 419 -18.54 1.36 -3.15
C ARG A 419 -19.53 2.37 -2.54
N GLU A 420 -19.79 2.24 -1.23
CA GLU A 420 -20.87 2.98 -0.57
C GLU A 420 -20.70 4.49 -0.75
N HIS A 421 -19.49 5.01 -0.50
CA HIS A 421 -19.22 6.44 -0.54
C HIS A 421 -18.63 6.85 -1.88
N THR A 422 -19.02 6.18 -2.97
CA THR A 422 -18.52 6.51 -4.29
C THR A 422 -19.68 7.02 -5.15
N THR A 423 -19.35 7.79 -6.19
CA THR A 423 -20.31 8.12 -7.23
C THR A 423 -19.68 7.79 -8.58
N ILE A 424 -20.49 7.23 -9.47
CA ILE A 424 -20.02 6.82 -10.79
C ILE A 424 -19.88 8.06 -11.68
N VAL A 425 -18.71 8.20 -12.31
CA VAL A 425 -18.49 9.23 -13.31
C VAL A 425 -19.17 8.81 -14.60
N LYS A 426 -20.07 9.66 -15.09
CA LYS A 426 -20.89 9.35 -16.25
C LYS A 426 -20.29 10.02 -17.50
N HIS A 427 -19.52 11.08 -17.30
CA HIS A 427 -18.77 11.70 -18.38
C HIS A 427 -17.54 12.41 -17.81
N TYR A 428 -16.46 12.44 -18.60
CA TYR A 428 -15.17 12.93 -18.12
C TYR A 428 -15.22 14.43 -17.79
N ARG A 429 -16.13 15.17 -18.43
CA ARG A 429 -16.23 16.60 -18.21
C ARG A 429 -16.93 16.89 -16.88
N ASP A 430 -17.50 15.86 -16.25
CA ASP A 430 -18.01 15.97 -14.88
C ASP A 430 -16.85 16.10 -13.88
N LEU A 431 -15.64 15.70 -14.30
CA LEU A 431 -14.43 16.00 -13.54
C LEU A 431 -13.97 17.41 -13.91
N GLN A 432 -13.51 18.17 -12.91
CA GLN A 432 -13.04 19.52 -13.12
C GLN A 432 -11.80 19.52 -14.01
N SER A 433 -11.68 20.58 -14.82
CA SER A 433 -10.49 20.79 -15.64
C SER A 433 -9.55 21.73 -14.89
N ILE A 434 -8.35 21.93 -15.45
CA ILE A 434 -7.32 22.75 -14.83
C ILE A 434 -7.89 24.14 -14.57
N ALA A 435 -8.69 24.65 -15.53
CA ALA A 435 -9.27 25.99 -15.47
C ALA A 435 -10.01 26.25 -14.17
N ASP A 436 -10.66 25.23 -13.61
CA ASP A 436 -11.53 25.37 -12.46
C ASP A 436 -10.76 25.32 -11.14
N TYR A 437 -9.46 25.01 -11.18
CA TYR A 437 -8.69 24.83 -9.96
C TYR A 437 -8.39 26.19 -9.34
N PRO A 438 -8.09 26.26 -8.02
CA PRO A 438 -7.72 27.53 -7.38
C PRO A 438 -6.50 28.18 -8.05
N VAL A 439 -6.45 29.52 -7.97
CA VAL A 439 -5.61 30.34 -8.83
C VAL A 439 -4.14 29.91 -8.71
N LYS A 440 -3.68 29.67 -7.47
CA LYS A 440 -2.28 29.34 -7.24
C LYS A 440 -1.94 27.95 -7.80
N VAL A 441 -2.86 26.99 -7.62
CA VAL A 441 -2.66 25.63 -8.10
C VAL A 441 -2.68 25.66 -9.63
N ARG A 442 -3.75 26.26 -10.18
CA ARG A 442 -3.96 26.38 -11.61
C ARG A 442 -2.71 26.93 -12.29
N LYS A 443 -2.22 28.06 -11.76
CA LYS A 443 -1.05 28.73 -12.31
C LYS A 443 0.15 27.78 -12.29
N LEU A 444 0.43 27.20 -11.12
CA LEU A 444 1.56 26.32 -10.96
C LEU A 444 1.50 25.19 -11.98
N ILE A 445 0.33 24.57 -12.13
CA ILE A 445 0.17 23.38 -12.95
C ILE A 445 0.34 23.75 -14.43
N ARG A 446 -0.13 24.94 -14.81
CA ARG A 446 -0.05 25.37 -16.20
C ARG A 446 1.42 25.54 -16.61
N ARG A 447 2.21 26.11 -15.70
CA ARG A 447 3.63 26.34 -15.93
C ARG A 447 4.38 25.01 -16.06
N LEU A 448 4.04 24.04 -15.23
CA LEU A 448 4.65 22.72 -15.28
C LEU A 448 4.34 22.03 -16.62
N ARG A 449 3.16 22.30 -17.18
CA ARG A 449 2.73 21.63 -18.40
C ARG A 449 3.33 22.33 -19.62
N ARG A 450 3.54 23.65 -19.53
CA ARG A 450 4.22 24.41 -20.57
C ARG A 450 5.60 23.81 -20.82
N ILE A 451 6.37 23.61 -19.75
CA ILE A 451 7.74 23.14 -19.85
C ILE A 451 7.85 21.65 -19.56
N ARG A 452 6.73 20.92 -19.68
CA ARG A 452 6.69 19.46 -19.69
C ARG A 452 7.29 18.84 -18.43
N ILE A 453 7.29 19.57 -17.29
CA ILE A 453 7.85 19.05 -16.06
C ILE A 453 6.87 18.05 -15.43
N ASP A 454 5.58 18.19 -15.75
CA ASP A 454 4.55 17.31 -15.24
C ASP A 454 4.79 15.88 -15.73
N ARG A 455 5.31 15.75 -16.96
CA ARG A 455 5.62 14.45 -17.54
C ARG A 455 6.76 13.78 -16.77
N LEU A 456 7.69 14.61 -16.27
CA LEU A 456 8.85 14.13 -15.54
C LEU A 456 8.45 13.68 -14.14
N ILE A 457 7.75 14.57 -13.41
CA ILE A 457 7.35 14.34 -12.02
C ILE A 457 6.48 13.09 -11.94
N SER A 458 5.67 12.85 -12.98
CA SER A 458 4.80 11.69 -13.07
C SER A 458 5.51 10.40 -12.65
N ARG A 459 6.82 10.30 -12.92
CA ARG A 459 7.58 9.08 -12.71
C ARG A 459 7.80 8.79 -11.21
N ILE A 460 7.70 9.81 -10.34
CA ILE A 460 7.80 9.59 -8.91
C ILE A 460 6.42 9.67 -8.23
N LEU A 461 5.34 9.61 -9.04
CA LEU A 461 3.98 9.68 -8.54
C LEU A 461 3.28 8.31 -8.70
#